data_8ROJ
#
_entry.id   8ROJ
#
_cell.length_a   89.706
_cell.length_b   89.706
_cell.length_c   234.645
_cell.angle_alpha   90.000
_cell.angle_beta   90.000
_cell.angle_gamma   90.000
#
_symmetry.space_group_name_H-M   'P 41 21 2'
#
loop_
_entity.id
_entity.type
_entity.pdbx_description
1 polymer 'Structural maintenance of chromosomes protein 3'
2 polymer 'Double-strand-break repair protein rad21 homolog'
3 non-polymer 'MAGNESIUM ION'
4 non-polymer "ADENOSINE-5'-DIPHOSPHATE"
5 water water
#
loop_
_entity_poly.entity_id
_entity_poly.type
_entity_poly.pdbx_seq_one_letter_code
_entity_poly.pdbx_strand_id
1 'polypeptide(L)'
;MYIKQVIIQGFRSYRDQTIVDPFSSKHNVIVGRNGSGKSNFFYAIQFVLSDEFSHLRPEQRLALLHEGTGPRVISAFVEI
IFDNSDNRLPIDKEEVSLRRVIGAKKDQYFLDKKMVTKNDVMNLLESAGFSRSNPYYIVKQGKINQMATAPDSQRLKLLR
EVAGTRVYDERKEESISLMKETEGKREKINELLKYIEERLHTLEEEKEELAGSGSLVPRGSGSYSHVNKKALDQFVNFSE
QKEKLIKRQEELDRGYKSIMELMNVLELRKYEAIQLTFKQVSKNFSEVFQKLVPGGKATLVMKKGDVEGSQSQDEGEGSG
ESERGSGSQSSVPSVDQFTGVGIRVSFTGKQGEMREMQQLSGGQKSLVALALIFAIQKCDPAPFYLFDEIDQALDAQHRK
AVSDMIMELAVHAQFITTTFRPELLESADKFYGVKFRNKVSHIDVITAEMAKDFVEDDTTHG
;
A
2 'polypeptide(L)'
;MFYAHFVLSKRGPLAKIWLAAHWDKKLTKAHVFECNLESSVESIISPKVKMALRTSGHLLLGVVRIYHRKAKYLLADCNE
AFIKIKMAFRPGVVDLPEENREGSLEVLFQ
;
B
#
# COMPACT_ATOMS: atom_id res chain seq x y z
N MET A 1 2.29 -12.33 -6.09
CA MET A 1 1.76 -11.21 -6.89
C MET A 1 2.81 -10.70 -7.85
N TYR A 2 2.49 -10.64 -9.14
CA TYR A 2 3.42 -10.04 -10.09
C TYR A 2 2.62 -9.47 -11.25
N ILE A 3 3.30 -8.73 -12.11
CA ILE A 3 2.66 -8.21 -13.31
C ILE A 3 2.67 -9.30 -14.37
N LYS A 4 1.50 -9.83 -14.69
CA LYS A 4 1.46 -10.93 -15.65
C LYS A 4 1.61 -10.38 -17.06
N GLN A 5 0.99 -9.24 -17.34
CA GLN A 5 0.93 -8.71 -18.69
C GLN A 5 0.55 -7.23 -18.63
N VAL A 6 1.04 -6.48 -19.61
CA VAL A 6 0.76 -5.05 -19.76
C VAL A 6 0.14 -4.84 -21.13
N ILE A 7 -0.81 -3.91 -21.23
CA ILE A 7 -1.46 -3.62 -22.50
C ILE A 7 -1.63 -2.12 -22.59
N ILE A 8 -1.15 -1.54 -23.70
CA ILE A 8 -1.11 -0.09 -23.87
C ILE A 8 -1.75 0.28 -25.19
N GLN A 9 -2.55 1.34 -25.19
CA GLN A 9 -3.00 1.93 -26.44
C GLN A 9 -3.11 3.43 -26.27
N GLY A 10 -2.59 4.17 -27.24
CA GLY A 10 -2.71 5.62 -27.27
C GLY A 10 -1.87 6.36 -26.26
N PHE A 11 -1.05 5.67 -25.48
CA PHE A 11 -0.22 6.31 -24.46
C PHE A 11 1.14 6.69 -25.04
N ARG A 12 1.51 7.96 -24.85
CA ARG A 12 2.69 8.57 -25.44
C ARG A 12 3.08 7.98 -26.80
N SER A 13 4.20 7.28 -26.90
CA SER A 13 4.63 6.87 -28.23
C SER A 13 4.01 5.56 -28.69
N TYR A 14 3.21 4.87 -27.86
CA TYR A 14 2.57 3.62 -28.27
C TYR A 14 1.19 3.96 -28.82
N ARG A 15 1.15 4.36 -30.08
CA ARG A 15 -0.13 4.79 -30.66
C ARG A 15 -1.08 3.61 -30.82
N ASP A 16 -0.71 2.66 -31.66
CA ASP A 16 -1.54 1.49 -31.83
C ASP A 16 -1.54 0.66 -30.55
N GLN A 17 -2.44 -0.31 -30.49
CA GLN A 17 -2.54 -1.16 -29.32
C GLN A 17 -1.34 -2.07 -29.20
N THR A 18 -0.86 -2.24 -27.97
CA THR A 18 0.33 -3.03 -27.70
C THR A 18 0.01 -4.03 -26.61
N ILE A 19 -0.05 -5.31 -26.96
CA ILE A 19 -0.24 -6.37 -25.98
C ILE A 19 1.15 -6.94 -25.70
N VAL A 20 1.78 -6.47 -24.63
CA VAL A 20 3.14 -6.89 -24.34
C VAL A 20 3.12 -8.33 -23.85
N ASP A 21 3.88 -9.18 -24.52
CA ASP A 21 3.92 -10.60 -24.20
C ASP A 21 4.09 -10.81 -22.69
N PRO A 22 3.44 -11.81 -22.11
CA PRO A 22 3.36 -11.87 -20.64
C PRO A 22 4.72 -11.97 -19.99
N PHE A 23 4.91 -11.19 -18.93
CA PHE A 23 6.20 -11.13 -18.27
C PHE A 23 6.57 -12.44 -17.58
N SER A 24 7.87 -12.70 -17.55
CA SER A 24 8.40 -13.67 -16.61
C SER A 24 8.13 -13.17 -15.22
N SER A 25 7.95 -14.13 -14.29
CA SER A 25 7.82 -13.80 -12.88
C SER A 25 9.16 -13.47 -12.27
N LYS A 26 10.23 -13.63 -13.04
CA LYS A 26 11.59 -13.30 -12.59
C LYS A 26 11.98 -11.96 -13.23
N HIS A 27 13.14 -11.85 -13.85
CA HIS A 27 13.67 -10.58 -14.33
C HIS A 27 13.43 -10.48 -15.83
N ASN A 28 12.67 -9.48 -16.24
CA ASN A 28 12.48 -9.18 -17.65
C ASN A 28 13.24 -7.91 -17.97
N VAL A 29 14.10 -7.96 -18.99
CA VAL A 29 14.89 -6.82 -19.39
C VAL A 29 14.43 -6.34 -20.76
N ILE A 30 14.42 -5.02 -20.91
CA ILE A 30 13.88 -4.34 -22.07
C ILE A 30 15.02 -3.55 -22.72
N VAL A 31 15.29 -3.81 -23.98
CA VAL A 31 16.34 -3.10 -24.68
C VAL A 31 15.75 -2.39 -25.88
N GLY A 32 16.47 -1.37 -26.33
CA GLY A 32 16.09 -0.69 -27.53
C GLY A 32 16.91 0.56 -27.63
N ARG A 33 16.99 1.17 -28.81
CA ARG A 33 17.82 2.36 -28.93
C ARG A 33 17.22 3.48 -28.09
N ASN A 34 17.98 4.56 -27.97
CA ASN A 34 17.47 5.75 -27.31
C ASN A 34 16.27 6.30 -28.09
N GLY A 35 15.34 6.90 -27.34
CA GLY A 35 14.12 7.44 -27.92
C GLY A 35 13.32 6.44 -28.73
N SER A 36 13.32 5.17 -28.32
CA SER A 36 12.47 4.16 -28.95
C SER A 36 11.22 3.82 -28.15
N GLY A 37 11.16 4.16 -26.87
CA GLY A 37 9.96 3.92 -26.09
C GLY A 37 10.16 3.16 -24.79
N LYS A 38 11.38 3.17 -24.27
CA LYS A 38 11.70 2.53 -23.01
C LYS A 38 11.07 3.31 -21.86
N SER A 39 11.61 4.50 -21.53
CA SER A 39 11.05 5.29 -20.45
C SER A 39 9.55 5.46 -20.60
N ASN A 40 9.08 5.62 -21.84
CA ASN A 40 7.65 5.72 -22.13
C ASN A 40 6.89 4.48 -21.68
N PHE A 41 7.54 3.33 -21.71
CA PHE A 41 6.89 2.10 -21.25
C PHE A 41 6.76 2.11 -19.73
N PHE A 42 7.82 2.46 -19.03
CA PHE A 42 7.73 2.55 -17.58
C PHE A 42 6.74 3.61 -17.17
N TYR A 43 6.62 4.69 -17.95
CA TYR A 43 5.62 5.68 -17.61
C TYR A 43 4.23 5.06 -17.69
N ALA A 44 3.95 4.30 -18.76
CA ALA A 44 2.64 3.66 -18.88
C ALA A 44 2.27 2.85 -17.63
N ILE A 45 3.26 2.22 -17.01
CA ILE A 45 3.01 1.42 -15.82
C ILE A 45 2.95 2.31 -14.59
N GLN A 46 3.91 3.23 -14.45
CA GLN A 46 3.79 4.28 -13.44
C GLN A 46 2.45 4.98 -13.57
N PHE A 47 1.93 5.05 -14.79
CA PHE A 47 0.64 5.70 -15.00
C PHE A 47 -0.46 4.95 -14.26
N VAL A 48 -0.36 3.62 -14.22
CA VAL A 48 -1.44 2.85 -13.62
C VAL A 48 -1.24 2.69 -12.13
N LEU A 49 0.01 2.72 -11.63
CA LEU A 49 0.29 2.32 -10.25
C LEU A 49 0.89 3.39 -9.36
N SER A 50 1.56 4.41 -9.90
CA SER A 50 2.30 5.29 -9.01
C SER A 50 1.41 6.36 -8.42
N ASP A 51 1.76 6.75 -7.21
CA ASP A 51 1.03 7.82 -6.55
C ASP A 51 1.20 9.14 -7.28
N GLU A 52 2.42 9.40 -7.79
CA GLU A 52 2.68 10.69 -8.40
C GLU A 52 1.85 10.94 -9.65
N PHE A 53 1.23 9.90 -10.21
CA PHE A 53 0.38 10.06 -11.37
C PHE A 53 -1.10 10.01 -11.05
N SER A 54 -1.47 9.76 -9.79
CA SER A 54 -2.89 9.69 -9.46
C SER A 54 -3.57 11.02 -9.72
N HIS A 55 -2.93 12.13 -9.36
CA HIS A 55 -3.52 13.45 -9.51
C HIS A 55 -2.90 14.18 -10.70
N LEU A 56 -3.70 14.46 -11.72
CA LEU A 56 -3.20 15.02 -12.96
C LEU A 56 -4.04 16.23 -13.35
N ARG A 57 -3.43 17.41 -13.31
CA ARG A 57 -4.01 18.54 -14.01
C ARG A 57 -4.26 18.14 -15.46
N PRO A 58 -5.32 18.64 -16.09
CA PRO A 58 -5.65 18.17 -17.43
C PRO A 58 -4.55 18.40 -18.45
N GLU A 59 -3.77 19.47 -18.32
CA GLU A 59 -2.57 19.66 -19.13
C GLU A 59 -1.62 18.47 -19.00
N GLN A 60 -1.27 18.13 -17.75
CA GLN A 60 -0.55 16.89 -17.49
C GLN A 60 -1.24 15.70 -18.14
N ARG A 61 -2.56 15.56 -17.95
CA ARG A 61 -3.27 14.42 -18.54
C ARG A 61 -3.08 14.37 -20.05
N LEU A 62 -3.38 15.45 -20.76
CA LEU A 62 -3.24 15.45 -22.21
C LEU A 62 -1.83 15.15 -22.66
N ALA A 63 -0.82 15.56 -21.88
CA ALA A 63 0.55 15.19 -22.17
C ALA A 63 0.72 13.71 -22.45
N LEU A 64 -0.16 12.87 -21.94
CA LEU A 64 0.06 11.43 -22.00
C LEU A 64 -0.50 10.79 -23.25
N LEU A 65 -1.31 11.51 -24.01
CA LEU A 65 -1.81 10.96 -25.26
C LEU A 65 -0.73 11.03 -26.32
N HIS A 66 -1.01 10.43 -27.48
CA HIS A 66 -0.04 10.29 -28.54
C HIS A 66 -0.24 11.34 -29.61
N GLU A 67 0.61 12.35 -29.64
CA GLU A 67 0.59 13.28 -30.76
C GLU A 67 1.58 12.82 -31.80
N GLY A 68 1.08 12.50 -32.98
CA GLY A 68 1.91 11.98 -34.06
C GLY A 68 1.24 12.25 -35.39
N THR A 69 1.49 11.36 -36.34
CA THR A 69 1.02 11.53 -37.71
C THR A 69 -0.48 11.44 -37.86
N GLY A 70 -1.02 10.24 -37.68
CA GLY A 70 -2.34 9.91 -38.14
C GLY A 70 -3.46 10.63 -37.43
N PRO A 71 -4.67 10.07 -37.52
CA PRO A 71 -5.84 10.69 -36.90
C PRO A 71 -5.60 11.06 -35.45
N ARG A 72 -6.20 12.18 -35.03
CA ARG A 72 -5.88 12.77 -33.74
C ARG A 72 -6.18 11.78 -32.64
N VAL A 73 -5.13 11.35 -31.92
CA VAL A 73 -5.33 10.38 -30.85
C VAL A 73 -6.21 11.02 -29.80
N ILE A 74 -7.20 10.26 -29.34
CA ILE A 74 -8.29 10.85 -28.57
C ILE A 74 -8.50 10.19 -27.21
N SER A 75 -7.97 8.98 -26.98
CA SER A 75 -7.96 8.40 -25.65
C SER A 75 -6.83 7.39 -25.55
N ALA A 76 -6.31 7.23 -24.35
CA ALA A 76 -5.34 6.18 -24.05
C ALA A 76 -5.89 5.29 -22.94
N PHE A 77 -5.29 4.10 -22.81
CA PHE A 77 -5.48 3.29 -21.62
C PHE A 77 -4.24 2.46 -21.41
N VAL A 78 -4.05 2.02 -20.18
CA VAL A 78 -3.01 1.04 -19.85
C VAL A 78 -3.61 0.05 -18.89
N GLU A 79 -3.86 -1.17 -19.35
CA GLU A 79 -4.36 -2.24 -18.49
C GLU A 79 -3.20 -3.09 -17.99
N ILE A 80 -3.01 -3.07 -16.68
CA ILE A 80 -2.08 -3.96 -15.99
C ILE A 80 -2.84 -5.18 -15.49
N ILE A 81 -2.40 -6.37 -15.86
CA ILE A 81 -3.02 -7.61 -15.41
C ILE A 81 -2.07 -8.27 -14.41
N PHE A 82 -2.44 -8.25 -13.14
CA PHE A 82 -1.62 -8.94 -12.15
C PHE A 82 -1.98 -10.40 -12.05
N ASP A 83 -0.97 -11.21 -11.77
CA ASP A 83 -1.21 -12.54 -11.22
C ASP A 83 -1.41 -12.41 -9.72
N ASN A 84 -2.51 -12.95 -9.21
CA ASN A 84 -2.82 -12.88 -7.79
C ASN A 84 -2.81 -14.25 -7.14
N SER A 85 -1.98 -15.16 -7.65
CA SER A 85 -2.10 -16.56 -7.29
C SER A 85 -1.83 -16.78 -5.81
N ASP A 86 -1.17 -15.83 -5.15
CA ASP A 86 -0.96 -15.85 -3.70
C ASP A 86 -1.93 -14.94 -2.95
N ASN A 87 -3.10 -14.69 -3.54
CA ASN A 87 -4.14 -13.84 -2.97
C ASN A 87 -3.62 -12.63 -2.20
N ARG A 88 -2.54 -12.03 -2.69
CA ARG A 88 -1.98 -10.85 -2.03
C ARG A 88 -2.85 -9.63 -2.23
N LEU A 89 -3.33 -9.43 -3.44
CA LEU A 89 -4.44 -8.50 -3.61
C LEU A 89 -5.67 -9.10 -2.94
N PRO A 90 -6.46 -8.29 -2.21
CA PRO A 90 -7.69 -8.78 -1.58
C PRO A 90 -8.82 -8.90 -2.58
N ILE A 91 -8.67 -9.83 -3.52
CA ILE A 91 -9.65 -10.10 -4.55
C ILE A 91 -9.57 -11.59 -4.86
N ASP A 92 -10.72 -12.27 -4.83
CA ASP A 92 -10.74 -13.72 -4.99
C ASP A 92 -10.76 -14.07 -6.48
N LYS A 93 -9.67 -13.67 -7.14
CA LYS A 93 -9.39 -14.08 -8.50
C LYS A 93 -7.90 -14.37 -8.62
N GLU A 94 -7.55 -15.32 -9.50
CA GLU A 94 -6.13 -15.60 -9.71
C GLU A 94 -5.45 -14.50 -10.56
N GLU A 95 -6.20 -13.86 -11.46
CA GLU A 95 -5.77 -12.66 -12.15
C GLU A 95 -6.58 -11.47 -11.68
N VAL A 96 -5.95 -10.30 -11.68
CA VAL A 96 -6.69 -9.06 -11.48
C VAL A 96 -6.30 -8.07 -12.56
N SER A 97 -7.29 -7.46 -13.20
CA SER A 97 -7.10 -6.57 -14.34
C SER A 97 -7.36 -5.15 -13.87
N LEU A 98 -6.30 -4.43 -13.59
CA LEU A 98 -6.37 -3.01 -13.29
C LEU A 98 -6.12 -2.22 -14.57
N ARG A 99 -7.00 -1.27 -14.87
CA ARG A 99 -6.78 -0.50 -16.09
C ARG A 99 -7.22 0.92 -15.88
N ARG A 100 -6.40 1.86 -16.32
CA ARG A 100 -6.76 3.27 -16.29
C ARG A 100 -6.96 3.78 -17.70
N VAL A 101 -8.09 4.44 -17.96
CA VAL A 101 -8.28 5.05 -19.26
C VAL A 101 -8.44 6.55 -19.11
N ILE A 102 -8.14 7.23 -20.20
CA ILE A 102 -7.72 8.62 -20.17
C ILE A 102 -8.29 9.30 -21.40
N GLY A 103 -8.62 10.57 -21.24
CA GLY A 103 -9.16 11.32 -22.36
C GLY A 103 -9.25 12.77 -21.99
N ALA A 104 -9.71 13.57 -22.94
CA ALA A 104 -9.83 15.00 -22.69
C ALA A 104 -10.53 15.26 -21.34
N LYS A 105 -11.73 14.70 -21.16
CA LYS A 105 -12.42 14.87 -19.89
C LYS A 105 -12.25 13.72 -18.92
N LYS A 106 -12.04 12.48 -19.39
CA LYS A 106 -12.18 11.31 -18.54
C LYS A 106 -10.86 10.76 -18.06
N ASP A 107 -10.88 10.24 -16.83
CA ASP A 107 -9.69 9.77 -16.14
C ASP A 107 -10.21 8.73 -15.15
N GLN A 108 -10.33 7.49 -15.63
CA GLN A 108 -11.20 6.48 -15.03
C GLN A 108 -10.47 5.16 -14.87
N TYR A 109 -10.46 4.63 -13.65
CA TYR A 109 -9.89 3.32 -13.39
C TYR A 109 -10.93 2.22 -13.51
N PHE A 110 -10.51 1.06 -14.01
CA PHE A 110 -11.39 -0.10 -14.07
C PHE A 110 -10.71 -1.29 -13.44
N LEU A 111 -11.46 -1.96 -12.56
CA LEU A 111 -10.98 -3.10 -11.79
C LEU A 111 -11.83 -4.31 -12.14
N ASP A 112 -11.18 -5.35 -12.64
CA ASP A 112 -11.85 -6.43 -13.34
C ASP A 112 -13.05 -5.93 -14.13
N LYS A 113 -12.84 -4.86 -14.89
CA LYS A 113 -13.80 -4.25 -15.79
C LYS A 113 -14.89 -3.45 -15.08
N LYS A 114 -14.71 -3.12 -13.81
CA LYS A 114 -15.73 -2.40 -13.06
C LYS A 114 -15.13 -1.11 -12.54
N MET A 115 -15.88 -0.02 -12.67
CA MET A 115 -15.34 1.28 -12.29
C MET A 115 -14.95 1.32 -10.84
N VAL A 116 -13.84 2.00 -10.55
CA VAL A 116 -13.40 2.23 -9.18
C VAL A 116 -12.81 3.62 -9.13
N THR A 117 -12.68 4.12 -7.91
CA THR A 117 -12.12 5.43 -7.68
C THR A 117 -10.61 5.35 -7.59
N LYS A 118 -9.95 6.45 -7.97
CA LYS A 118 -8.53 6.56 -7.70
C LYS A 118 -8.25 6.21 -6.25
N ASN A 119 -9.10 6.68 -5.35
CA ASN A 119 -8.89 6.41 -3.94
C ASN A 119 -9.06 4.92 -3.62
N ASP A 120 -9.93 4.23 -4.35
CA ASP A 120 -9.96 2.77 -4.27
C ASP A 120 -8.60 2.20 -4.63
N VAL A 121 -8.14 2.49 -5.85
CA VAL A 121 -6.90 1.92 -6.37
C VAL A 121 -5.75 2.24 -5.43
N MET A 122 -5.77 3.42 -4.81
CA MET A 122 -4.74 3.71 -3.82
C MET A 122 -4.87 2.74 -2.65
N ASN A 123 -6.07 2.62 -2.12
CA ASN A 123 -6.27 1.70 -1.03
C ASN A 123 -5.94 0.27 -1.44
N LEU A 124 -6.38 -0.15 -2.62
CA LEU A 124 -6.10 -1.50 -3.06
C LEU A 124 -4.59 -1.77 -3.08
N LEU A 125 -3.82 -0.84 -3.64
CA LEU A 125 -2.38 -1.06 -3.73
C LEU A 125 -1.72 -0.97 -2.36
N GLU A 126 -2.10 0.04 -1.56
CA GLU A 126 -1.61 0.11 -0.19
C GLU A 126 -1.83 -1.22 0.51
N SER A 127 -2.98 -1.83 0.27
CA SER A 127 -3.36 -3.05 0.98
C SER A 127 -2.41 -4.18 0.63
N ALA A 128 -2.02 -4.27 -0.64
CA ALA A 128 -1.08 -5.29 -1.08
C ALA A 128 0.34 -4.99 -0.58
N GLY A 129 0.50 -3.89 0.14
CA GLY A 129 1.79 -3.58 0.72
C GLY A 129 2.63 -2.79 -0.25
N PHE A 130 1.97 -1.87 -0.95
CA PHE A 130 2.62 -0.85 -1.75
C PHE A 130 2.35 0.48 -1.06
N SER A 131 3.27 0.87 -0.17
CA SER A 131 3.12 2.07 0.64
C SER A 131 3.49 3.31 -0.17
N ARG A 132 2.62 4.32 -0.17
CA ARG A 132 3.00 5.60 -0.76
C ARG A 132 4.07 6.32 0.05
N SER A 133 4.40 5.81 1.25
CA SER A 133 5.55 6.26 2.04
C SER A 133 6.85 5.65 1.55
N ASN A 134 6.87 5.15 0.33
CA ASN A 134 8.07 4.51 -0.17
C ASN A 134 8.27 4.81 -1.63
N PRO A 135 9.24 5.66 -1.97
CA PRO A 135 9.40 6.11 -3.35
C PRO A 135 10.21 5.19 -4.24
N TYR A 136 10.52 3.97 -3.79
CA TYR A 136 11.55 3.18 -4.46
C TYR A 136 11.00 1.87 -5.02
N TYR A 137 9.71 1.80 -5.29
CA TYR A 137 9.24 0.65 -6.02
C TYR A 137 9.61 0.78 -7.48
N ILE A 138 9.64 2.02 -7.97
CA ILE A 138 10.20 2.39 -9.26
C ILE A 138 11.46 3.19 -8.99
N VAL A 139 12.53 2.88 -9.72
CA VAL A 139 13.80 3.57 -9.55
C VAL A 139 14.30 4.02 -10.91
N LYS A 140 14.38 5.34 -11.08
CA LYS A 140 14.93 5.95 -12.27
C LYS A 140 16.31 6.52 -11.94
N GLN A 141 17.02 6.96 -12.99
CA GLN A 141 18.28 7.65 -12.71
C GLN A 141 18.02 8.91 -11.92
N GLY A 142 16.87 9.56 -12.15
CA GLY A 142 16.51 10.72 -11.36
C GLY A 142 16.66 10.50 -9.88
N LYS A 143 16.02 9.45 -9.37
CA LYS A 143 15.99 9.27 -7.92
C LYS A 143 17.29 8.75 -7.35
N ILE A 144 18.21 8.26 -8.19
CA ILE A 144 19.50 7.88 -7.65
C ILE A 144 20.31 9.11 -7.26
N ASN A 145 20.39 10.11 -8.16
CA ASN A 145 21.13 11.32 -7.84
C ASN A 145 20.44 12.10 -6.74
N GLN A 146 19.12 12.25 -6.84
CA GLN A 146 18.37 12.95 -5.81
C GLN A 146 18.73 12.41 -4.44
N MET A 147 19.06 11.12 -4.37
CA MET A 147 19.55 10.49 -3.16
C MET A 147 21.01 10.83 -2.92
N ALA A 148 21.86 10.63 -3.94
CA ALA A 148 23.30 10.85 -3.80
C ALA A 148 23.62 12.30 -3.45
N THR A 149 23.05 13.23 -4.21
CA THR A 149 23.27 14.66 -3.98
C THR A 149 22.26 15.22 -2.97
N ALA A 150 22.13 14.58 -1.82
CA ALA A 150 21.10 15.02 -0.89
C ALA A 150 21.71 15.39 0.45
N PRO A 151 21.19 16.43 1.11
CA PRO A 151 21.71 16.81 2.42
C PRO A 151 21.36 15.78 3.46
N ASP A 152 22.29 15.54 4.38
CA ASP A 152 22.02 14.61 5.48
C ASP A 152 20.74 14.95 6.21
N SER A 153 20.29 16.20 6.12
CA SER A 153 19.03 16.60 6.73
C SER A 153 17.85 16.00 6.00
N GLN A 154 17.76 16.26 4.69
CA GLN A 154 16.66 15.68 3.90
C GLN A 154 16.69 14.15 3.95
N ARG A 155 17.88 13.56 4.10
CA ARG A 155 17.96 12.10 4.22
C ARG A 155 17.32 11.61 5.52
N LEU A 156 17.30 12.44 6.56
CA LEU A 156 16.54 12.10 7.76
C LEU A 156 15.04 12.12 7.48
N LYS A 157 14.53 13.27 7.02
CA LYS A 157 13.11 13.40 6.70
C LYS A 157 12.62 12.21 5.88
N LEU A 158 13.46 11.66 5.02
CA LEU A 158 13.09 10.50 4.24
C LEU A 158 12.80 9.30 5.13
N LEU A 159 13.78 8.92 5.96
CA LEU A 159 13.64 7.70 6.75
C LEU A 159 12.48 7.81 7.72
N ARG A 160 12.37 8.95 8.41
CA ARG A 160 11.23 9.17 9.29
C ARG A 160 9.92 8.89 8.56
N GLU A 161 9.81 9.37 7.32
CA GLU A 161 8.60 9.11 6.54
C GLU A 161 8.46 7.63 6.21
N VAL A 162 9.55 7.00 5.79
CA VAL A 162 9.49 5.57 5.50
C VAL A 162 9.20 4.78 6.76
N ALA A 163 9.99 5.01 7.81
CA ALA A 163 9.80 4.30 9.07
C ALA A 163 8.33 4.31 9.52
N GLY A 164 7.70 5.48 9.45
CA GLY A 164 6.30 5.59 9.82
C GLY A 164 5.86 7.01 10.08
N THR A 165 6.49 7.64 11.07
CA THR A 165 6.18 8.98 11.55
C THR A 165 5.08 9.71 10.80
N ARG A 166 5.15 9.79 9.47
CA ARG A 166 4.10 10.51 8.76
C ARG A 166 2.83 9.69 8.66
N VAL A 167 2.93 8.45 8.19
CA VAL A 167 1.72 7.63 8.08
C VAL A 167 1.13 7.36 9.47
N TYR A 168 2.00 7.17 10.47
CA TYR A 168 1.50 7.04 11.84
C TYR A 168 0.74 8.29 12.24
N ASP A 169 1.42 9.42 12.41
CA ASP A 169 0.71 10.65 12.74
C ASP A 169 -0.54 10.83 11.89
N GLU A 170 -0.55 10.28 10.68
CA GLU A 170 -1.69 10.48 9.80
C GLU A 170 -2.85 9.55 10.15
N ARG A 171 -2.58 8.26 10.40
CA ARG A 171 -3.63 7.37 10.85
C ARG A 171 -4.05 7.69 12.28
N LYS A 172 -3.07 7.80 13.20
CA LYS A 172 -3.34 8.17 14.59
C LYS A 172 -4.34 9.32 14.65
N GLU A 173 -4.06 10.39 13.92
CA GLU A 173 -5.03 11.48 13.85
C GLU A 173 -6.32 11.05 13.14
N GLU A 174 -6.22 10.19 12.13
CA GLU A 174 -7.43 9.78 11.43
C GLU A 174 -8.32 8.97 12.34
N SER A 175 -7.73 8.13 13.18
CA SER A 175 -8.50 7.27 14.08
C SER A 175 -9.35 8.10 15.03
N ILE A 176 -8.75 9.08 15.71
CA ILE A 176 -9.48 9.86 16.70
C ILE A 176 -10.73 10.50 16.10
N SER A 177 -10.65 10.97 14.85
CA SER A 177 -11.82 11.59 14.24
C SER A 177 -12.96 10.62 14.15
N LEU A 178 -12.66 9.32 14.04
CA LEU A 178 -13.68 8.29 14.08
C LEU A 178 -14.28 8.17 15.47
N MET A 179 -13.42 7.92 16.46
CA MET A 179 -13.88 7.64 17.81
C MET A 179 -14.76 8.76 18.35
N LYS A 180 -14.46 10.02 18.04
CA LYS A 180 -15.35 11.07 18.50
C LYS A 180 -16.66 11.07 17.72
N GLU A 181 -16.64 10.63 16.46
CA GLU A 181 -17.90 10.43 15.75
C GLU A 181 -18.67 9.23 16.28
N THR A 182 -17.96 8.27 16.88
CA THR A 182 -18.59 7.10 17.46
C THR A 182 -19.36 7.44 18.74
N GLU A 183 -18.76 8.28 19.59
CA GLU A 183 -19.36 8.60 20.88
C GLU A 183 -20.80 9.05 20.72
N GLY A 184 -21.05 9.93 19.74
CA GLY A 184 -22.42 10.35 19.46
C GLY A 184 -23.33 9.19 19.13
N LYS A 185 -22.78 8.14 18.51
CA LYS A 185 -23.57 6.92 18.29
C LYS A 185 -23.73 6.16 19.60
N ARG A 186 -22.64 5.96 20.34
CA ARG A 186 -22.71 5.22 21.59
C ARG A 186 -23.71 5.82 22.57
N GLU A 187 -23.70 7.14 22.73
CA GLU A 187 -24.67 7.74 23.61
C GLU A 187 -26.08 7.62 23.03
N LYS A 188 -26.23 7.82 21.72
CA LYS A 188 -27.54 7.63 21.10
C LYS A 188 -28.01 6.20 21.27
N ILE A 189 -27.06 5.25 21.39
CA ILE A 189 -27.42 3.87 21.71
C ILE A 189 -27.91 3.77 23.14
N ASN A 190 -27.05 4.12 24.10
CA ASN A 190 -27.34 3.99 25.52
C ASN A 190 -28.66 4.66 25.88
N GLU A 191 -28.95 5.79 25.26
CA GLU A 191 -30.25 6.42 25.39
C GLU A 191 -31.37 5.46 25.02
N LEU A 192 -31.28 4.87 23.83
CA LEU A 192 -32.35 3.98 23.37
C LEU A 192 -32.60 2.85 24.37
N LEU A 193 -31.53 2.22 24.84
CA LEU A 193 -31.71 1.10 25.77
C LEU A 193 -32.40 1.55 27.04
N LYS A 194 -32.22 2.81 27.42
CA LYS A 194 -32.97 3.30 28.58
C LYS A 194 -34.43 3.52 28.22
N TYR A 195 -34.71 4.11 27.06
CA TYR A 195 -36.09 4.27 26.61
C TYR A 195 -36.79 2.91 26.50
N ILE A 196 -36.14 1.95 25.86
CA ILE A 196 -36.70 0.60 25.77
C ILE A 196 -36.94 0.03 27.15
N GLU A 197 -35.96 0.21 28.06
CA GLU A 197 -36.07 -0.36 29.40
C GLU A 197 -37.33 0.15 30.10
N GLU A 198 -37.74 1.38 29.79
CA GLU A 198 -38.94 1.93 30.39
C GLU A 198 -40.20 1.28 29.83
N ARG A 199 -40.26 1.06 28.52
CA ARG A 199 -41.42 0.38 27.94
C ARG A 199 -41.54 -1.04 28.46
N LEU A 200 -40.41 -1.70 28.72
CA LEU A 200 -40.47 -2.99 29.40
C LEU A 200 -40.99 -2.82 30.81
N HIS A 201 -40.52 -1.79 31.51
CA HIS A 201 -41.04 -1.50 32.83
C HIS A 201 -42.54 -1.27 32.75
N THR A 202 -42.97 -0.41 31.83
CA THR A 202 -44.40 -0.14 31.68
C THR A 202 -45.20 -1.42 31.43
N LEU A 203 -44.77 -2.24 30.48
CA LEU A 203 -45.47 -3.48 30.18
C LEU A 203 -45.55 -4.37 31.40
N GLU A 204 -44.43 -4.52 32.11
CA GLU A 204 -44.38 -5.27 33.36
C GLU A 204 -45.61 -4.95 34.20
N GLU A 205 -45.87 -3.66 34.36
CA GLU A 205 -46.92 -3.22 35.27
C GLU A 205 -48.30 -3.46 34.68
N GLU A 206 -48.49 -3.13 33.41
CA GLU A 206 -49.76 -3.47 32.78
C GLU A 206 -49.99 -4.98 32.78
N LYS A 207 -48.93 -5.78 32.56
CA LYS A 207 -49.10 -7.22 32.56
C LYS A 207 -49.31 -7.77 33.96
N GLU A 208 -48.99 -6.97 35.00
CA GLU A 208 -49.35 -7.35 36.36
C GLU A 208 -50.80 -7.04 36.67
N GLU A 209 -51.26 -5.85 36.30
CA GLU A 209 -52.64 -5.46 36.55
C GLU A 209 -53.60 -6.52 36.05
N LEU A 210 -53.53 -6.83 34.75
CA LEU A 210 -54.49 -7.74 34.14
C LEU A 210 -54.42 -9.12 34.76
N ALA A 211 -53.22 -9.55 35.16
CA ALA A 211 -53.09 -10.79 35.90
C ALA A 211 -53.78 -10.70 37.25
N GLY A 212 -53.70 -9.54 37.90
CA GLY A 212 -54.32 -9.29 39.18
C GLY A 212 -55.75 -8.84 39.14
N SER A 213 -56.37 -8.81 37.96
CA SER A 213 -57.77 -8.38 37.81
C SER A 213 -58.65 -9.54 37.32
N VAL A 227 -52.33 0.43 24.77
CA VAL A 227 -51.62 -0.76 25.24
C VAL A 227 -52.19 -2.02 24.58
N ASN A 228 -51.65 -2.35 23.41
CA ASN A 228 -52.18 -3.43 22.59
C ASN A 228 -51.77 -4.80 23.11
N LYS A 229 -52.58 -5.81 22.78
CA LYS A 229 -52.26 -7.19 23.13
C LYS A 229 -50.97 -7.65 22.48
N LYS A 230 -50.59 -7.05 21.35
CA LYS A 230 -49.33 -7.41 20.72
C LYS A 230 -48.17 -7.21 21.68
N ALA A 231 -48.01 -5.98 22.17
CA ALA A 231 -46.93 -5.69 23.11
C ALA A 231 -46.94 -6.68 24.27
N LEU A 232 -48.10 -6.85 24.91
CA LEU A 232 -48.20 -7.84 25.97
C LEU A 232 -47.79 -9.20 25.48
N ASP A 233 -48.36 -9.62 24.35
CA ASP A 233 -48.01 -10.92 23.78
C ASP A 233 -46.50 -11.05 23.65
N GLN A 234 -45.86 -10.02 23.05
CA GLN A 234 -44.45 -10.00 22.69
C GLN A 234 -43.52 -9.62 23.84
N PHE A 235 -44.05 -9.42 25.05
CA PHE A 235 -43.24 -8.85 26.11
C PHE A 235 -42.03 -9.73 26.43
N VAL A 236 -42.19 -11.04 26.38
CA VAL A 236 -41.05 -11.92 26.59
C VAL A 236 -39.96 -11.65 25.56
N ASN A 237 -40.34 -11.66 24.28
CA ASN A 237 -39.37 -11.51 23.21
C ASN A 237 -38.56 -10.23 23.37
N PHE A 238 -39.24 -9.11 23.62
CA PHE A 238 -38.56 -7.83 23.81
C PHE A 238 -37.54 -7.92 24.94
N SER A 239 -37.96 -8.42 26.09
CA SER A 239 -37.04 -8.59 27.19
C SER A 239 -35.81 -9.37 26.76
N GLU A 240 -36.02 -10.54 26.14
CA GLU A 240 -34.91 -11.31 25.61
C GLU A 240 -34.06 -10.45 24.70
N GLN A 241 -34.72 -9.63 23.86
CA GLN A 241 -34.01 -8.83 22.90
C GLN A 241 -33.19 -7.73 23.58
N LYS A 242 -33.67 -7.14 24.67
CA LYS A 242 -32.87 -6.07 25.24
C LYS A 242 -31.55 -6.62 25.78
N GLU A 243 -31.57 -7.82 26.35
CA GLU A 243 -30.34 -8.40 26.88
C GLU A 243 -29.41 -8.87 25.77
N LYS A 244 -29.94 -9.14 24.57
CA LYS A 244 -29.10 -9.35 23.39
C LYS A 244 -28.30 -8.09 23.08
N LEU A 245 -28.98 -6.93 23.02
CA LEU A 245 -28.31 -5.68 22.68
C LEU A 245 -27.34 -5.26 23.76
N ILE A 246 -27.76 -5.40 25.02
CA ILE A 246 -26.87 -5.12 26.13
C ILE A 246 -25.52 -5.77 25.91
N LYS A 247 -25.53 -7.08 25.65
CA LYS A 247 -24.26 -7.78 25.57
C LYS A 247 -23.39 -7.22 24.43
N ARG A 248 -24.03 -6.67 23.39
CA ARG A 248 -23.31 -5.99 22.32
C ARG A 248 -22.78 -4.65 22.79
N GLN A 249 -23.61 -3.89 23.52
CA GLN A 249 -23.13 -2.64 24.08
C GLN A 249 -21.93 -2.87 25.01
N GLU A 250 -21.98 -3.92 25.81
CA GLU A 250 -20.82 -4.27 26.61
C GLU A 250 -19.59 -4.53 25.75
N GLU A 251 -19.78 -5.09 24.55
CA GLU A 251 -18.66 -5.33 23.66
C GLU A 251 -17.98 -4.01 23.30
N LEU A 252 -18.78 -2.99 22.99
CA LEU A 252 -18.23 -1.67 22.66
C LEU A 252 -17.51 -1.08 23.86
N ASP A 253 -18.20 -0.95 24.98
CA ASP A 253 -17.60 -0.34 26.16
C ASP A 253 -16.32 -1.08 26.55
N ARG A 254 -16.29 -2.40 26.36
CA ARG A 254 -15.02 -3.13 26.49
C ARG A 254 -14.05 -2.69 25.41
N GLY A 255 -14.50 -2.74 24.16
CA GLY A 255 -13.61 -2.41 23.05
C GLY A 255 -13.00 -1.03 23.15
N TYR A 256 -13.84 -0.02 23.46
CA TYR A 256 -13.35 1.33 23.66
C TYR A 256 -12.13 1.36 24.56
N LYS A 257 -12.22 0.68 25.70
CA LYS A 257 -11.11 0.65 26.62
C LYS A 257 -9.87 0.08 25.94
N SER A 258 -9.98 -1.06 25.31
CA SER A 258 -8.75 -1.62 24.76
C SER A 258 -8.28 -0.89 23.45
N ILE A 259 -8.91 0.19 23.01
CA ILE A 259 -8.32 1.02 21.97
C ILE A 259 -7.44 2.08 22.59
N MET A 260 -7.91 2.71 23.67
CA MET A 260 -7.05 3.62 24.42
C MET A 260 -5.77 2.92 24.87
N GLU A 261 -5.89 1.66 25.30
CA GLU A 261 -4.70 0.88 25.64
C GLU A 261 -3.83 0.61 24.43
N LEU A 262 -4.39 0.65 23.22
CA LEU A 262 -3.53 0.58 22.06
C LEU A 262 -2.85 1.91 21.81
N MET A 263 -3.66 2.96 21.64
CA MET A 263 -3.15 4.30 21.34
C MET A 263 -1.99 4.72 22.24
N ASN A 264 -2.01 4.31 23.50
CA ASN A 264 -0.89 4.66 24.36
C ASN A 264 0.32 3.80 24.07
N VAL A 265 0.15 2.49 23.90
CA VAL A 265 1.33 1.67 23.63
C VAL A 265 2.00 2.12 22.33
N LEU A 266 1.24 2.71 21.41
CA LEU A 266 1.88 3.16 20.17
C LEU A 266 2.62 4.46 20.36
N GLU A 267 2.04 5.43 21.07
CA GLU A 267 2.75 6.66 21.39
C GLU A 267 3.99 6.42 22.23
N LEU A 268 4.23 5.19 22.69
CA LEU A 268 5.39 4.88 23.51
C LEU A 268 6.39 3.98 22.78
N ARG A 269 5.94 2.86 22.21
CA ARG A 269 6.82 2.11 21.34
C ARG A 269 7.21 2.91 20.11
N LYS A 270 6.61 4.09 19.92
CA LYS A 270 6.88 5.03 18.84
C LYS A 270 8.36 5.21 18.57
N TYR A 271 9.05 5.94 19.45
CA TYR A 271 10.45 6.25 19.18
C TYR A 271 11.30 4.99 19.15
N GLU A 272 11.00 4.00 20.00
CA GLU A 272 11.67 2.72 19.87
C GLU A 272 11.54 2.18 18.46
N ALA A 273 10.36 2.32 17.86
CA ALA A 273 10.10 1.72 16.55
C ALA A 273 10.73 2.53 15.43
N ILE A 274 10.81 3.86 15.57
CA ILE A 274 11.50 4.64 14.57
C ILE A 274 12.96 4.24 14.53
N GLN A 275 13.66 4.34 15.67
CA GLN A 275 15.05 3.89 15.70
C GLN A 275 15.17 2.40 15.43
N LEU A 276 14.14 1.61 15.76
CA LEU A 276 14.13 0.21 15.34
C LEU A 276 14.37 0.14 13.84
N THR A 277 13.64 0.97 13.10
CA THR A 277 13.74 0.99 11.63
C THR A 277 15.12 1.45 11.21
N PHE A 278 15.53 2.63 11.69
CA PHE A 278 16.86 3.20 11.41
C PHE A 278 17.95 2.14 11.49
N LYS A 279 18.10 1.51 12.66
CA LYS A 279 19.15 0.52 12.83
C LYS A 279 19.13 -0.53 11.73
N GLN A 280 17.94 -0.91 11.28
CA GLN A 280 17.83 -2.04 10.35
C GLN A 280 18.30 -1.65 8.96
N VAL A 281 18.02 -0.42 8.54
CA VAL A 281 18.49 0.05 7.24
C VAL A 281 20.01 0.10 7.21
N SER A 282 20.59 0.77 8.21
CA SER A 282 22.03 0.75 8.46
C SER A 282 22.59 -0.66 8.31
N LYS A 283 22.06 -1.60 9.08
CA LYS A 283 22.53 -2.97 9.01
C LYS A 283 22.48 -3.50 7.58
N ASN A 284 21.37 -3.25 6.88
CA ASN A 284 21.25 -3.68 5.49
C ASN A 284 22.20 -2.90 4.59
N PHE A 285 22.39 -1.60 4.87
CA PHE A 285 23.26 -0.77 4.06
C PHE A 285 24.62 -1.42 3.86
N SER A 286 25.30 -1.74 4.97
CA SER A 286 26.59 -2.42 4.87
C SER A 286 26.46 -3.71 4.07
N GLU A 287 25.59 -4.62 4.54
CA GLU A 287 25.46 -5.94 3.92
C GLU A 287 25.35 -5.86 2.42
N VAL A 288 24.63 -4.86 1.91
CA VAL A 288 24.48 -4.72 0.46
C VAL A 288 25.77 -4.21 -0.15
N PHE A 289 26.34 -3.15 0.43
CA PHE A 289 27.57 -2.58 -0.11
C PHE A 289 28.71 -3.58 0.01
N GLN A 290 28.91 -4.15 1.20
CA GLN A 290 29.98 -5.12 1.41
C GLN A 290 29.89 -6.26 0.41
N LYS A 291 28.70 -6.50 -0.15
CA LYS A 291 28.48 -7.56 -1.11
C LYS A 291 28.77 -7.12 -2.55
N LEU A 292 28.44 -5.89 -2.90
CA LEU A 292 28.66 -5.40 -4.26
C LEU A 292 30.12 -5.06 -4.50
N VAL A 293 30.67 -4.16 -3.69
CA VAL A 293 32.11 -3.94 -3.62
C VAL A 293 32.68 -4.87 -2.57
N PRO A 294 33.17 -6.06 -2.93
CA PRO A 294 33.74 -6.94 -1.91
C PRO A 294 35.01 -6.31 -1.36
N GLY A 295 35.23 -6.53 -0.05
CA GLY A 295 36.31 -5.89 0.66
C GLY A 295 36.03 -4.47 1.08
N GLY A 296 35.11 -3.79 0.42
CA GLY A 296 34.69 -2.48 0.86
C GLY A 296 33.85 -2.56 2.12
N LYS A 297 33.64 -1.39 2.72
CA LYS A 297 32.83 -1.29 3.92
C LYS A 297 32.23 0.10 3.99
N ALA A 298 31.00 0.18 4.48
CA ALA A 298 30.34 1.47 4.62
C ALA A 298 29.24 1.38 5.66
N THR A 299 28.95 2.51 6.29
CA THR A 299 27.96 2.59 7.35
C THR A 299 27.26 3.93 7.26
N LEU A 300 26.22 4.10 8.07
CA LEU A 300 25.49 5.35 8.17
C LEU A 300 25.77 6.01 9.50
N VAL A 301 25.38 7.28 9.61
CA VAL A 301 25.73 8.08 10.77
C VAL A 301 24.69 9.18 10.95
N MET A 302 24.46 9.56 12.21
CA MET A 302 23.45 10.56 12.59
C MET A 302 24.12 11.86 13.02
N LYS A 303 23.59 12.97 12.54
CA LYS A 303 24.19 14.29 12.78
C LYS A 303 23.30 15.10 13.72
N LYS A 304 23.92 15.72 14.72
CA LYS A 304 23.25 16.37 15.85
C LYS A 304 22.11 15.50 16.39
N PHE A 338 17.75 15.09 17.05
CA PHE A 338 18.22 14.54 15.78
C PHE A 338 18.07 15.53 14.63
N THR A 339 19.07 15.59 13.74
CA THR A 339 19.11 16.60 12.69
C THR A 339 19.30 16.04 11.29
N GLY A 340 20.14 15.02 11.12
CA GLY A 340 20.39 14.52 9.77
C GLY A 340 21.10 13.18 9.79
N VAL A 341 21.13 12.55 8.61
CA VAL A 341 21.68 11.21 8.44
C VAL A 341 22.67 11.23 7.29
N GLY A 342 23.93 10.92 7.58
CA GLY A 342 24.98 10.94 6.58
C GLY A 342 25.59 9.56 6.35
N ILE A 343 26.62 9.55 5.49
CA ILE A 343 27.21 8.31 4.99
C ILE A 343 28.72 8.41 5.06
N ARG A 344 29.37 7.31 5.45
CA ARG A 344 30.82 7.21 5.43
C ARG A 344 31.22 5.85 4.86
N VAL A 345 32.03 5.87 3.81
CA VAL A 345 32.27 4.70 2.96
C VAL A 345 33.76 4.45 2.85
N SER A 346 34.14 3.17 2.91
CA SER A 346 35.52 2.76 2.65
C SER A 346 35.49 1.63 1.62
N PHE A 347 36.09 1.88 0.46
CA PHE A 347 36.18 0.85 -0.58
C PHE A 347 37.22 -0.23 -0.28
N THR A 348 37.85 -0.20 0.89
CA THR A 348 38.77 -1.25 1.30
C THR A 348 38.64 -1.54 2.79
N GLY A 352 40.07 0.64 6.62
CA GLY A 352 39.04 1.61 6.95
C GLY A 352 39.49 3.06 6.88
N GLU A 353 39.54 3.61 5.66
CA GLU A 353 39.84 5.03 5.40
C GLU A 353 38.61 5.64 4.73
N MET A 354 37.56 5.85 5.53
CA MET A 354 36.30 6.32 5.00
C MET A 354 36.40 7.77 4.56
N ARG A 355 35.36 8.21 3.84
CA ARG A 355 35.24 9.59 3.41
C ARG A 355 33.76 9.96 3.38
N GLU A 356 33.47 11.23 3.71
CA GLU A 356 32.13 11.80 3.72
C GLU A 356 31.39 11.55 2.40
N MET A 357 30.08 11.83 2.36
CA MET A 357 29.31 11.64 1.13
C MET A 357 29.74 12.64 0.05
N GLN A 358 29.86 13.92 0.41
CA GLN A 358 30.29 14.93 -0.55
C GLN A 358 31.69 14.66 -1.07
N GLN A 359 32.56 14.08 -0.24
CA GLN A 359 33.95 13.82 -0.58
C GLN A 359 34.13 12.53 -1.36
N LEU A 360 33.29 12.29 -2.37
CA LEU A 360 33.30 11.05 -3.13
C LEU A 360 33.40 11.37 -4.62
N SER A 361 33.45 10.32 -5.43
CA SER A 361 33.71 10.46 -6.86
C SER A 361 32.43 10.65 -7.67
N GLY A 362 32.46 10.25 -8.94
CA GLY A 362 31.31 10.32 -9.81
C GLY A 362 30.43 9.09 -9.73
N GLY A 363 30.83 8.02 -10.41
CA GLY A 363 30.06 6.78 -10.39
C GLY A 363 30.15 6.08 -9.05
N GLN A 364 30.75 6.77 -8.08
CA GLN A 364 30.88 6.33 -6.70
C GLN A 364 29.76 6.86 -5.84
N LYS A 365 29.50 8.17 -5.89
CA LYS A 365 28.32 8.71 -5.23
C LYS A 365 27.07 7.96 -5.68
N SER A 366 26.96 7.71 -6.98
CA SER A 366 25.78 7.03 -7.51
C SER A 366 25.65 5.62 -6.95
N LEU A 367 26.71 4.82 -7.06
CA LEU A 367 26.61 3.46 -6.57
C LEU A 367 26.29 3.43 -5.08
N VAL A 368 26.96 4.27 -4.29
CA VAL A 368 26.66 4.33 -2.87
C VAL A 368 25.18 4.58 -2.64
N ALA A 369 24.66 5.67 -3.23
CA ALA A 369 23.24 5.98 -3.09
C ALA A 369 22.38 4.83 -3.57
N LEU A 370 22.85 4.09 -4.58
CA LEU A 370 22.09 2.94 -5.05
C LEU A 370 21.98 1.89 -3.96
N ALA A 371 23.11 1.53 -3.34
CA ALA A 371 23.06 0.59 -2.24
C ALA A 371 22.08 1.06 -1.18
N LEU A 372 22.16 2.33 -0.79
CA LEU A 372 21.22 2.86 0.19
C LEU A 372 19.79 2.52 -0.17
N ILE A 373 19.45 2.63 -1.46
CA ILE A 373 18.10 2.31 -1.89
C ILE A 373 17.84 0.82 -1.72
N PHE A 374 18.64 -0.02 -2.38
CA PHE A 374 18.61 -1.46 -2.22
C PHE A 374 18.46 -1.92 -0.76
N ALA A 375 19.09 -1.19 0.18
CA ALA A 375 18.94 -1.51 1.59
C ALA A 375 17.55 -1.16 2.08
N ILE A 376 17.10 0.06 1.80
CA ILE A 376 15.71 0.44 2.08
C ILE A 376 14.73 -0.59 1.50
N GLN A 377 15.08 -1.19 0.38
CA GLN A 377 14.19 -2.17 -0.22
C GLN A 377 14.18 -3.47 0.59
N LYS A 378 15.36 -4.00 0.92
CA LYS A 378 15.40 -5.19 1.76
C LYS A 378 14.61 -4.99 3.05
N CYS A 379 14.47 -3.74 3.49
CA CYS A 379 13.88 -3.38 4.77
C CYS A 379 12.42 -2.99 4.62
N ASP A 380 11.70 -3.60 3.67
CA ASP A 380 10.35 -3.29 3.22
C ASP A 380 10.24 -3.74 1.77
N PRO A 381 10.24 -5.04 1.51
CA PRO A 381 10.24 -5.51 0.12
C PRO A 381 8.83 -5.51 -0.45
N ALA A 382 8.78 -5.72 -1.76
CA ALA A 382 7.56 -5.63 -2.53
C ALA A 382 7.59 -6.69 -3.62
N PRO A 383 6.43 -7.06 -4.16
CA PRO A 383 6.37 -8.18 -5.10
C PRO A 383 7.18 -8.00 -6.36
N PHE A 384 7.29 -6.78 -6.88
CA PHE A 384 8.01 -6.51 -8.12
C PHE A 384 8.58 -5.11 -8.07
N TYR A 385 9.61 -4.87 -8.89
CA TYR A 385 10.20 -3.54 -9.03
C TYR A 385 10.38 -3.16 -10.49
N LEU A 386 10.47 -1.85 -10.71
CA LEU A 386 10.75 -1.26 -12.02
C LEU A 386 12.02 -0.44 -11.96
N PHE A 387 12.98 -0.74 -12.83
CA PHE A 387 14.22 -0.01 -12.91
C PHE A 387 14.40 0.58 -14.30
N ASP A 388 14.35 1.92 -14.40
CA ASP A 388 14.58 2.62 -15.67
C ASP A 388 16.02 3.13 -15.69
N GLU A 389 16.89 2.39 -16.40
CA GLU A 389 18.31 2.76 -16.52
C GLU A 389 18.93 3.17 -15.19
N ILE A 390 19.24 2.21 -14.33
CA ILE A 390 19.93 2.57 -13.11
C ILE A 390 21.43 2.28 -13.17
N ASP A 391 21.86 1.38 -14.06
CA ASP A 391 23.27 1.03 -14.19
C ASP A 391 24.10 2.10 -14.88
N GLN A 392 23.46 3.10 -15.50
CA GLN A 392 24.18 4.02 -16.39
C GLN A 392 25.37 4.67 -15.70
N ALA A 393 25.17 5.15 -14.50
CA ALA A 393 26.16 6.00 -13.85
C ALA A 393 27.32 5.23 -13.22
N LEU A 394 27.61 3.98 -13.59
CA LEU A 394 28.69 3.28 -12.91
C LEU A 394 29.48 2.45 -13.90
N ASP A 395 30.75 2.19 -13.57
CA ASP A 395 31.59 1.51 -14.54
C ASP A 395 31.34 0.01 -14.47
N ALA A 396 31.79 -0.69 -15.51
CA ALA A 396 31.31 -2.04 -15.79
C ALA A 396 31.69 -3.03 -14.69
N GLN A 397 32.75 -2.76 -13.92
CA GLN A 397 33.05 -3.67 -12.83
C GLN A 397 31.92 -3.68 -11.82
N HIS A 398 31.39 -2.50 -11.50
CA HIS A 398 30.27 -2.40 -10.59
C HIS A 398 28.96 -2.76 -11.28
N ARG A 399 28.82 -2.35 -12.54
CA ARG A 399 27.66 -2.71 -13.34
C ARG A 399 27.36 -4.19 -13.23
N LYS A 400 28.38 -5.04 -13.34
CA LYS A 400 28.18 -6.47 -13.13
C LYS A 400 27.80 -6.75 -11.69
N ALA A 401 28.45 -6.08 -10.74
CA ALA A 401 28.21 -6.37 -9.32
C ALA A 401 26.73 -6.22 -8.97
N VAL A 402 26.08 -5.22 -9.56
CA VAL A 402 24.63 -5.06 -9.43
C VAL A 402 23.90 -6.22 -10.09
N SER A 403 24.09 -6.38 -11.40
CA SER A 403 23.50 -7.46 -12.18
C SER A 403 23.62 -8.77 -11.43
N ASP A 404 24.76 -8.99 -10.79
CA ASP A 404 24.92 -10.21 -10.00
C ASP A 404 23.92 -10.24 -8.86
N MET A 405 23.68 -9.11 -8.21
CA MET A 405 22.80 -9.10 -7.05
C MET A 405 21.35 -9.31 -7.45
N ILE A 406 21.00 -8.89 -8.66
CA ILE A 406 19.63 -9.03 -9.07
C ILE A 406 19.30 -10.49 -9.35
N MET A 407 20.25 -11.23 -9.94
CA MET A 407 20.09 -12.68 -10.05
C MET A 407 19.53 -13.26 -8.77
N GLU A 408 20.17 -12.94 -7.64
CA GLU A 408 19.72 -13.48 -6.37
C GLU A 408 18.34 -12.93 -6.03
N LEU A 409 18.14 -11.64 -6.24
CA LEU A 409 16.92 -11.00 -5.80
C LEU A 409 15.70 -11.49 -6.56
N ALA A 410 15.87 -11.80 -7.84
CA ALA A 410 14.76 -12.09 -8.73
C ALA A 410 14.24 -13.51 -8.57
N VAL A 411 14.84 -14.33 -7.71
CA VAL A 411 14.22 -15.60 -7.34
C VAL A 411 13.07 -15.39 -6.35
N HIS A 412 12.84 -14.17 -5.90
CA HIS A 412 11.83 -13.95 -4.89
C HIS A 412 11.02 -12.70 -5.14
N ALA A 413 11.25 -12.00 -6.24
CA ALA A 413 10.47 -10.85 -6.67
C ALA A 413 10.66 -10.71 -8.17
N GLN A 414 9.79 -9.91 -8.78
CA GLN A 414 9.79 -9.70 -10.21
C GLN A 414 10.47 -8.37 -10.50
N PHE A 415 11.29 -8.34 -11.55
CA PHE A 415 11.94 -7.10 -11.93
C PHE A 415 11.68 -6.84 -13.40
N ILE A 416 11.26 -5.61 -13.69
CA ILE A 416 11.19 -5.13 -15.05
C ILE A 416 12.17 -3.96 -15.16
N THR A 417 13.13 -4.08 -16.09
CA THR A 417 14.29 -3.19 -16.16
C THR A 417 14.69 -2.84 -17.59
N THR A 418 15.26 -1.66 -17.78
CA THR A 418 15.87 -1.26 -19.04
C THR A 418 17.33 -0.91 -18.85
N THR A 419 18.08 -1.03 -19.95
CA THR A 419 19.52 -0.81 -19.89
C THR A 419 20.06 -0.47 -21.27
N PHE A 420 21.31 -0.02 -21.29
CA PHE A 420 22.09 0.04 -22.52
C PHE A 420 23.34 -0.83 -22.48
N ARG A 421 23.71 -1.33 -21.35
CA ARG A 421 24.94 -2.01 -21.04
C ARG A 421 24.72 -3.50 -20.82
N PRO A 422 25.55 -4.35 -21.41
CA PRO A 422 25.27 -5.79 -21.39
C PRO A 422 25.36 -6.45 -20.02
N GLU A 423 25.92 -5.78 -19.00
CA GLU A 423 26.11 -6.43 -17.71
C GLU A 423 24.81 -7.05 -17.21
N LEU A 424 23.75 -6.26 -17.18
CA LEU A 424 22.52 -6.78 -16.61
C LEU A 424 21.78 -7.70 -17.54
N LEU A 425 22.24 -7.89 -18.77
CA LEU A 425 21.61 -8.91 -19.59
C LEU A 425 21.89 -10.30 -19.01
N GLU A 426 23.01 -10.45 -18.31
CA GLU A 426 23.28 -11.70 -17.61
C GLU A 426 22.17 -12.00 -16.62
N SER A 427 21.63 -10.96 -15.98
CA SER A 427 20.67 -11.12 -14.90
C SER A 427 19.24 -11.35 -15.39
N ALA A 428 19.02 -11.46 -16.70
CA ALA A 428 17.66 -11.46 -17.21
C ALA A 428 17.16 -12.88 -17.48
N ASP A 429 15.85 -13.00 -17.53
CA ASP A 429 15.16 -14.23 -17.84
C ASP A 429 14.28 -14.15 -19.08
N LYS A 430 13.71 -12.98 -19.37
CA LYS A 430 13.06 -12.70 -20.64
C LYS A 430 13.62 -11.41 -21.24
N PHE A 431 13.52 -11.27 -22.56
CA PHE A 431 14.19 -10.17 -23.27
C PHE A 431 13.20 -9.49 -24.21
N TYR A 432 13.03 -8.18 -24.04
CA TYR A 432 12.14 -7.40 -24.88
C TYR A 432 12.93 -6.37 -25.66
N GLY A 433 12.58 -6.22 -26.93
CA GLY A 433 13.14 -5.17 -27.77
C GLY A 433 12.08 -4.11 -28.05
N VAL A 434 12.42 -2.86 -27.78
CA VAL A 434 11.61 -1.71 -28.18
C VAL A 434 12.11 -1.22 -29.52
N LYS A 435 11.20 -0.84 -30.40
CA LYS A 435 11.54 -0.44 -31.76
C LYS A 435 10.63 0.70 -32.19
N PHE A 436 11.24 1.87 -32.38
CA PHE A 436 10.61 3.04 -32.94
C PHE A 436 10.58 2.93 -34.47
N ARG A 437 9.50 3.38 -35.07
CA ARG A 437 9.25 3.03 -36.46
C ARG A 437 8.03 3.80 -36.94
N ASN A 438 8.25 4.86 -37.72
CA ASN A 438 7.18 5.75 -38.17
C ASN A 438 6.49 6.40 -36.98
N LYS A 439 7.31 7.00 -36.12
CA LYS A 439 6.95 7.84 -34.99
C LYS A 439 6.24 7.10 -33.85
N VAL A 440 6.05 5.77 -33.96
CA VAL A 440 5.37 4.99 -32.93
C VAL A 440 6.24 3.81 -32.52
N SER A 441 6.13 3.42 -31.24
CA SER A 441 6.94 2.35 -30.66
C SER A 441 6.26 0.99 -30.79
N HIS A 442 7.08 -0.04 -30.81
CA HIS A 442 6.61 -1.42 -30.79
C HIS A 442 7.49 -2.21 -29.85
N ILE A 443 6.87 -3.11 -29.08
CA ILE A 443 7.61 -3.95 -28.15
C ILE A 443 7.43 -5.39 -28.58
N ASP A 444 8.52 -6.15 -28.49
CA ASP A 444 8.55 -7.51 -29.01
C ASP A 444 9.50 -8.36 -28.19
N VAL A 445 9.14 -9.63 -28.04
CA VAL A 445 10.03 -10.57 -27.37
C VAL A 445 11.17 -10.94 -28.30
N ILE A 446 12.38 -10.87 -27.77
CA ILE A 446 13.58 -11.21 -28.52
C ILE A 446 14.35 -12.24 -27.72
N THR A 447 15.39 -12.79 -28.34
CA THR A 447 16.23 -13.77 -27.69
C THR A 447 17.54 -13.13 -27.25
N ALA A 448 18.09 -13.65 -26.15
CA ALA A 448 19.21 -13.01 -25.48
C ALA A 448 20.38 -12.74 -26.43
N GLU A 449 20.54 -13.58 -27.45
CA GLU A 449 21.47 -13.25 -28.53
C GLU A 449 21.15 -11.86 -29.08
N MET A 450 19.94 -11.72 -29.64
CA MET A 450 19.54 -10.43 -30.17
C MET A 450 19.63 -9.33 -29.13
N ALA A 451 19.59 -9.66 -27.84
CA ALA A 451 19.62 -8.61 -26.84
C ALA A 451 21.01 -7.99 -26.76
N LYS A 452 22.05 -8.81 -26.94
CA LYS A 452 23.41 -8.30 -26.98
C LYS A 452 23.68 -7.52 -28.26
N ASP A 453 22.75 -7.55 -29.22
CA ASP A 453 22.68 -6.56 -30.27
C ASP A 453 22.46 -5.21 -29.62
N PHE A 454 21.22 -4.75 -29.47
CA PHE A 454 20.88 -3.36 -29.11
C PHE A 454 21.58 -2.84 -27.85
N VAL A 455 22.85 -3.21 -27.63
CA VAL A 455 23.66 -2.64 -26.56
C VAL A 455 24.98 -2.05 -27.11
N ARG B 11 -3.24 -13.85 5.22
CA ARG B 11 -4.11 -14.63 6.09
C ARG B 11 -3.62 -14.63 7.54
N GLY B 12 -4.53 -14.88 8.48
CA GLY B 12 -4.19 -14.91 9.90
C GLY B 12 -5.14 -14.12 10.79
N PRO B 13 -4.73 -13.90 12.06
CA PRO B 13 -5.63 -13.21 13.01
C PRO B 13 -5.78 -11.73 12.70
N LEU B 14 -4.64 -11.04 12.49
CA LEU B 14 -4.62 -9.61 12.25
C LEU B 14 -4.98 -9.22 10.82
N ALA B 15 -4.82 -10.12 9.87
CA ALA B 15 -5.12 -9.76 8.49
C ALA B 15 -6.56 -9.29 8.33
N LYS B 16 -7.47 -9.75 9.19
CA LYS B 16 -8.82 -9.20 9.15
C LYS B 16 -8.82 -7.71 9.50
N ILE B 17 -7.90 -7.29 10.37
CA ILE B 17 -7.81 -5.88 10.72
C ILE B 17 -7.11 -5.10 9.61
N TRP B 18 -6.08 -5.70 9.01
CA TRP B 18 -5.43 -5.07 7.86
C TRP B 18 -6.43 -4.64 6.81
N LEU B 19 -7.22 -5.60 6.30
CA LEU B 19 -8.24 -5.27 5.32
C LEU B 19 -9.16 -4.17 5.82
N ALA B 20 -9.37 -4.08 7.13
CA ALA B 20 -10.29 -3.08 7.65
C ALA B 20 -9.78 -1.68 7.39
N ALA B 21 -8.47 -1.47 7.50
CA ALA B 21 -7.88 -0.14 7.37
C ALA B 21 -7.55 0.25 5.94
N HIS B 22 -7.58 -0.68 4.98
CA HIS B 22 -7.33 -0.37 3.59
C HIS B 22 -8.51 -0.63 2.66
N TRP B 23 -9.42 -1.52 3.02
CA TRP B 23 -10.33 -2.10 2.02
C TRP B 23 -11.44 -2.90 2.71
N ASP B 24 -12.43 -2.21 3.25
CA ASP B 24 -13.47 -2.89 4.03
C ASP B 24 -14.59 -3.46 3.16
N LYS B 25 -14.41 -3.45 1.84
CA LYS B 25 -15.23 -4.28 0.96
C LYS B 25 -15.30 -5.71 1.51
N LYS B 26 -14.17 -6.28 1.88
CA LYS B 26 -14.17 -7.66 2.35
C LYS B 26 -14.66 -7.79 3.79
N LEU B 27 -15.38 -6.81 4.29
CA LEU B 27 -15.91 -6.86 5.65
C LEU B 27 -17.41 -7.05 5.57
N THR B 28 -17.85 -8.27 5.86
CA THR B 28 -19.27 -8.56 6.02
C THR B 28 -19.77 -7.97 7.33
N LYS B 29 -21.09 -7.94 7.48
CA LYS B 29 -21.66 -7.73 8.80
C LYS B 29 -21.16 -8.78 9.76
N ALA B 30 -21.18 -10.05 9.35
CA ALA B 30 -20.67 -11.08 10.25
C ALA B 30 -19.18 -10.94 10.48
N HIS B 31 -18.45 -10.38 9.54
CA HIS B 31 -17.04 -10.14 9.80
C HIS B 31 -16.87 -9.18 10.95
N VAL B 32 -17.51 -8.01 10.84
CA VAL B 32 -17.51 -7.02 11.92
C VAL B 32 -17.95 -7.65 13.23
N PHE B 33 -19.06 -8.40 13.20
CA PHE B 33 -19.58 -9.01 14.43
C PHE B 33 -18.57 -9.99 15.02
N GLU B 34 -18.08 -10.90 14.18
CA GLU B 34 -17.22 -11.98 14.66
C GLU B 34 -16.00 -11.46 15.38
N CYS B 35 -15.61 -10.22 15.14
CA CYS B 35 -14.28 -9.75 15.48
C CYS B 35 -14.18 -9.39 16.95
N ASN B 36 -13.20 -9.98 17.63
CA ASN B 36 -12.93 -9.67 19.02
C ASN B 36 -11.89 -8.56 19.06
N LEU B 37 -12.31 -7.33 19.31
CA LEU B 37 -11.38 -6.21 19.25
C LEU B 37 -10.29 -6.36 20.31
N GLU B 38 -10.69 -6.73 21.52
CA GLU B 38 -9.75 -6.82 22.64
C GLU B 38 -8.64 -7.82 22.36
N SER B 39 -9.02 -9.02 21.93
CA SER B 39 -8.01 -10.02 21.59
C SER B 39 -7.21 -9.65 20.35
N SER B 40 -7.58 -8.59 19.66
CA SER B 40 -6.81 -8.11 18.52
C SER B 40 -5.82 -7.03 18.91
N VAL B 41 -6.25 -6.04 19.71
CA VAL B 41 -5.26 -5.08 20.22
C VAL B 41 -4.21 -5.82 21.03
N GLU B 42 -4.53 -7.03 21.49
CA GLU B 42 -3.53 -7.79 22.21
C GLU B 42 -2.52 -8.41 21.25
N SER B 43 -2.99 -8.94 20.13
CA SER B 43 -2.05 -9.45 19.13
C SER B 43 -1.37 -8.34 18.34
N ILE B 44 -1.73 -7.09 18.63
CA ILE B 44 -0.96 -5.94 18.17
C ILE B 44 0.13 -5.57 19.18
N ILE B 45 -0.21 -5.54 20.47
CA ILE B 45 0.69 -5.00 21.47
C ILE B 45 1.82 -5.98 21.78
N SER B 46 1.51 -7.26 21.89
CA SER B 46 2.53 -8.30 21.91
C SER B 46 2.48 -9.01 20.57
N PRO B 47 3.24 -8.56 19.58
CA PRO B 47 3.20 -9.18 18.26
C PRO B 47 4.25 -10.29 18.14
N LYS B 48 4.11 -11.07 17.06
CA LYS B 48 5.06 -12.15 16.79
C LYS B 48 6.46 -11.60 16.53
N VAL B 49 6.58 -10.56 15.70
CA VAL B 49 7.82 -9.82 15.46
C VAL B 49 7.52 -8.34 15.55
N LYS B 50 8.26 -7.62 16.40
CA LYS B 50 8.08 -6.18 16.56
C LYS B 50 7.89 -5.50 15.21
N MET B 51 6.93 -4.61 15.13
CA MET B 51 6.47 -4.13 13.85
C MET B 51 6.87 -2.69 13.61
N ALA B 52 7.07 -2.37 12.34
CA ALA B 52 7.43 -1.02 11.95
C ALA B 52 6.37 -0.04 12.42
N LEU B 53 6.80 1.17 12.77
CA LEU B 53 5.84 2.17 13.23
C LEU B 53 4.77 2.43 12.18
N ARG B 54 5.09 2.21 10.91
CA ARG B 54 4.08 2.39 9.86
C ARG B 54 2.95 1.38 10.04
N THR B 55 3.29 0.09 10.11
CA THR B 55 2.25 -0.92 10.11
C THR B 55 1.44 -0.89 11.40
N SER B 56 2.06 -0.51 12.52
CA SER B 56 1.28 -0.29 13.73
C SER B 56 0.22 0.77 13.49
N GLY B 57 0.58 1.86 12.83
CA GLY B 57 -0.40 2.91 12.59
C GLY B 57 -1.58 2.44 11.78
N HIS B 58 -1.34 1.54 10.83
CA HIS B 58 -2.41 1.04 9.97
C HIS B 58 -3.38 0.20 10.77
N LEU B 59 -2.85 -0.87 11.39
CA LEU B 59 -3.64 -1.71 12.27
C LEU B 59 -4.51 -0.87 13.18
N LEU B 60 -3.89 0.06 13.91
CA LEU B 60 -4.63 0.98 14.75
C LEU B 60 -5.91 1.45 14.07
N LEU B 61 -5.79 1.88 12.81
CA LEU B 61 -6.97 2.37 12.12
C LEU B 61 -7.97 1.26 11.91
N GLY B 62 -7.50 0.11 11.45
CA GLY B 62 -8.42 -0.98 11.18
C GLY B 62 -9.27 -1.31 12.39
N VAL B 63 -8.61 -1.48 13.55
CA VAL B 63 -9.33 -1.76 14.78
C VAL B 63 -10.46 -0.76 14.97
N VAL B 64 -10.13 0.52 14.88
CA VAL B 64 -11.13 1.59 15.07
C VAL B 64 -12.19 1.54 14.00
N ARG B 65 -11.83 1.14 12.77
CA ARG B 65 -12.85 0.93 11.74
C ARG B 65 -13.89 -0.09 12.19
N ILE B 66 -13.44 -1.30 12.55
CA ILE B 66 -14.37 -2.34 13.00
C ILE B 66 -15.15 -1.84 14.20
N TYR B 67 -14.45 -1.27 15.17
CA TYR B 67 -15.11 -0.68 16.32
C TYR B 67 -16.27 0.21 15.88
N HIS B 68 -15.97 1.16 15.00
CA HIS B 68 -16.98 2.06 14.47
C HIS B 68 -18.15 1.30 13.83
N ARG B 69 -17.87 0.30 13.00
CA ARG B 69 -18.97 -0.37 12.32
C ARG B 69 -19.84 -1.13 13.32
N LYS B 70 -19.22 -1.88 14.25
CA LYS B 70 -19.95 -2.47 15.37
C LYS B 70 -20.90 -1.47 15.98
N ALA B 71 -20.38 -0.29 16.33
CA ALA B 71 -21.21 0.79 16.85
C ALA B 71 -22.33 1.14 15.89
N LYS B 72 -22.00 1.35 14.62
CA LYS B 72 -23.02 1.73 13.64
C LYS B 72 -24.15 0.69 13.59
N TYR B 73 -23.79 -0.59 13.50
CA TYR B 73 -24.78 -1.67 13.43
C TYR B 73 -25.65 -1.71 14.67
N LEU B 74 -25.03 -1.68 15.85
CA LEU B 74 -25.79 -1.70 17.10
C LEU B 74 -26.79 -0.54 17.14
N LEU B 75 -26.33 0.66 16.81
CA LEU B 75 -27.25 1.79 16.74
C LEU B 75 -28.43 1.47 15.86
N ALA B 76 -28.16 1.07 14.62
CA ALA B 76 -29.23 0.68 13.71
C ALA B 76 -30.21 -0.27 14.38
N ASP B 77 -29.67 -1.26 15.10
CA ASP B 77 -30.54 -2.29 15.65
C ASP B 77 -31.34 -1.77 16.83
N CYS B 78 -30.73 -0.98 17.72
CA CYS B 78 -31.49 -0.39 18.82
C CYS B 78 -32.58 0.54 18.30
N ASN B 79 -32.35 1.23 17.18
CA ASN B 79 -33.43 2.03 16.64
C ASN B 79 -34.57 1.14 16.19
N GLU B 80 -34.28 0.18 15.31
CA GLU B 80 -35.31 -0.74 14.85
C GLU B 80 -36.05 -1.36 16.03
N ALA B 81 -35.30 -1.83 17.04
CA ALA B 81 -35.93 -2.49 18.17
C ALA B 81 -36.87 -1.55 18.91
N PHE B 82 -36.44 -0.31 19.16
CA PHE B 82 -37.31 0.63 19.85
C PHE B 82 -38.57 0.92 19.04
N ILE B 83 -38.42 1.37 17.80
CA ILE B 83 -39.58 1.65 16.98
C ILE B 83 -40.39 0.39 16.70
N LYS B 84 -39.84 -0.78 17.01
CA LYS B 84 -40.63 -2.00 17.02
C LYS B 84 -41.57 -2.03 18.21
N ILE B 85 -41.19 -1.38 19.31
CA ILE B 85 -41.94 -1.50 20.57
C ILE B 85 -43.14 -0.57 20.56
N LYS B 86 -42.92 0.74 20.48
CA LYS B 86 -44.06 1.64 20.43
C LYS B 86 -44.94 1.33 19.23
N MET B 87 -44.36 0.68 18.22
CA MET B 87 -45.17 0.02 17.20
C MET B 87 -46.24 -0.88 17.82
N ALA B 88 -45.82 -1.78 18.71
CA ALA B 88 -46.71 -2.80 19.27
C ALA B 88 -47.55 -2.29 20.43
N PHE B 89 -47.46 -1.01 20.79
CA PHE B 89 -48.42 -0.46 21.73
C PHE B 89 -49.77 -0.23 21.09
N ARG B 90 -49.82 -0.12 19.75
CA ARG B 90 -51.07 -0.16 19.01
C ARG B 90 -50.83 -0.53 17.55
#